data_5MUN
#
_entry.id   5MUN
#
_cell.length_a   63.650
_cell.length_b   66.250
_cell.length_c   96.240
_cell.angle_alpha   90.00
_cell.angle_beta   90.00
_cell.angle_gamma   90.00
#
_symmetry.space_group_name_H-M   'P 21 21 21'
#
loop_
_entity.id
_entity.type
_entity.pdbx_description
1 polymer 'Lys-gingipain W83'
2 non-polymer 'AZIDE ION'
3 water water
#
_entity_poly.entity_id   1
_entity_poly.type   'polypeptide(L)'
_entity_poly.pdbx_seq_one_letter_code
;GPLGSQSAKIKLDAPTTRTTCTNNSFKQFDASFSFNEVELTKVETKGGTFASVSIPGAFPTGEVGSPEVPAVRKLIAVPV
GATPVVRVKSFTEQVYSLNQYGSEKLMPHQPSMSKSDDPEKVPFVYNAAAYARKGFVGQELTQVEMLGTMRGVRIAALTI
NPVQYDVVANQLKVRNNIEIEVSFQGADEVATQRLYDASFSPYFETAYKQLFNR
;
_entity_poly.pdbx_strand_id   A,B
#
loop_
_chem_comp.id
_chem_comp.type
_chem_comp.name
_chem_comp.formula
AZI non-polymer 'AZIDE ION' 'N3 -1'
#
# COMPACT_ATOMS: atom_id res chain seq x y z
N GLN A 6 21.39 20.55 -0.66
CA GLN A 6 21.03 21.00 -2.02
C GLN A 6 20.52 19.86 -2.89
N SER A 7 19.51 20.13 -3.72
CA SER A 7 18.97 19.14 -4.65
C SER A 7 18.36 19.82 -5.85
N ALA A 8 18.42 19.16 -7.01
CA ALA A 8 17.74 19.64 -8.20
C ALA A 8 16.41 18.90 -8.33
N LYS A 9 15.32 19.60 -8.56
CA LYS A 9 14.04 18.95 -8.73
C LYS A 9 13.74 19.00 -10.20
N ILE A 10 13.56 17.82 -10.81
CA ILE A 10 13.24 17.74 -12.24
C ILE A 10 11.76 17.40 -12.37
N LYS A 11 10.99 18.29 -13.00
CA LYS A 11 9.55 18.08 -13.11
C LYS A 11 9.23 17.05 -14.20
N LEU A 12 8.30 16.16 -13.86
CA LEU A 12 7.85 15.07 -14.73
C LEU A 12 6.45 15.39 -15.28
N ASP A 13 5.96 14.54 -16.21
CA ASP A 13 4.66 14.76 -16.86
C ASP A 13 3.45 14.24 -16.02
N ALA A 14 3.32 14.71 -14.76
CA ALA A 14 2.17 14.44 -13.90
C ALA A 14 2.08 15.56 -12.86
N PRO A 15 0.85 16.02 -12.53
CA PRO A 15 0.75 17.16 -11.60
C PRO A 15 1.13 16.84 -10.17
N THR A 16 0.98 15.55 -9.73
CA THR A 16 1.30 15.19 -8.35
C THR A 16 1.92 13.83 -8.22
N THR A 17 2.64 13.59 -7.12
CA THR A 17 3.15 12.27 -6.80
C THR A 17 2.06 11.61 -5.98
N ARG A 18 1.36 10.67 -6.59
CA ARG A 18 0.22 10.03 -5.95
C ARG A 18 0.09 8.59 -6.42
N THR A 19 -0.34 7.72 -5.50
CA THR A 19 -0.62 6.34 -5.80
C THR A 19 -2.07 6.14 -5.45
N THR A 20 -2.85 5.49 -6.34
CA THR A 20 -4.25 5.22 -6.02
C THR A 20 -4.56 3.75 -6.20
N CYS A 21 -5.50 3.24 -5.42
CA CYS A 21 -5.99 1.87 -5.54
C CYS A 21 -7.48 1.91 -5.52
N THR A 22 -8.10 1.37 -6.57
CA THR A 22 -9.55 1.35 -6.67
C THR A 22 -9.99 -0.12 -6.65
N ASN A 23 -10.75 -0.49 -5.61
CA ASN A 23 -11.25 -1.87 -5.45
C ASN A 23 -12.50 -1.98 -6.26
N ASN A 24 -12.36 -2.62 -7.43
CA ASN A 24 -13.44 -2.82 -8.40
C ASN A 24 -14.20 -4.16 -8.21
N SER A 25 -13.59 -5.16 -7.50
CA SER A 25 -14.21 -6.46 -7.12
C SER A 25 -13.40 -7.10 -5.96
N PHE A 26 -13.86 -8.25 -5.41
CA PHE A 26 -13.19 -8.93 -4.31
C PHE A 26 -11.83 -9.55 -4.73
N LYS A 27 -11.71 -10.00 -6.00
CA LYS A 27 -10.47 -10.60 -6.48
C LYS A 27 -9.80 -9.74 -7.61
N GLN A 28 -9.91 -8.39 -7.51
CA GLN A 28 -9.30 -7.46 -8.48
C GLN A 28 -9.28 -6.05 -7.96
N PHE A 29 -8.23 -5.32 -8.29
CA PHE A 29 -8.14 -3.91 -8.00
C PHE A 29 -7.31 -3.26 -9.07
N ASP A 30 -7.58 -1.99 -9.31
CA ASP A 30 -6.79 -1.17 -10.22
C ASP A 30 -5.91 -0.30 -9.39
N ALA A 31 -4.72 0.01 -9.90
CA ALA A 31 -3.80 0.91 -9.20
C ALA A 31 -3.20 1.88 -10.20
N SER A 32 -2.84 3.05 -9.72
CA SER A 32 -2.23 4.05 -10.58
C SER A 32 -1.08 4.69 -9.84
N PHE A 33 0.00 4.90 -10.56
CA PHE A 33 1.20 5.50 -9.98
C PHE A 33 1.60 6.70 -10.80
N SER A 34 1.70 7.85 -10.16
CA SER A 34 2.13 9.05 -10.86
CA SER A 34 2.10 9.07 -10.85
C SER A 34 3.22 9.74 -10.06
N PHE A 35 4.15 10.42 -10.74
CA PHE A 35 5.28 11.09 -10.10
C PHE A 35 5.40 12.50 -10.69
N ASN A 36 5.43 13.51 -9.82
CA ASN A 36 5.53 14.89 -10.28
C ASN A 36 6.99 15.29 -10.48
N GLU A 37 7.92 14.62 -9.78
CA GLU A 37 9.33 14.97 -9.94
C GLU A 37 10.28 13.87 -9.52
N VAL A 38 11.51 14.04 -9.96
CA VAL A 38 12.65 13.29 -9.48
C VAL A 38 13.54 14.32 -8.78
N GLU A 39 14.24 13.89 -7.74
CA GLU A 39 15.17 14.77 -7.02
C GLU A 39 16.55 14.26 -7.32
N LEU A 40 17.43 15.13 -7.77
CA LEU A 40 18.80 14.79 -8.12
C LEU A 40 19.71 15.50 -7.14
N THR A 41 20.45 14.68 -6.36
CA THR A 41 21.39 15.23 -5.37
CA THR A 41 21.40 15.19 -5.36
C THR A 41 22.82 14.79 -5.73
N LYS A 42 23.79 15.65 -5.44
CA LYS A 42 25.18 15.33 -5.69
C LYS A 42 25.73 14.65 -4.45
N VAL A 43 26.44 13.53 -4.64
CA VAL A 43 27.00 12.74 -3.55
C VAL A 43 28.52 12.60 -3.73
N GLU A 44 29.28 12.92 -2.66
CA GLU A 44 30.73 12.80 -2.69
C GLU A 44 31.11 11.39 -2.30
N THR A 45 31.97 10.73 -3.10
CA THR A 45 32.34 9.33 -2.79
C THR A 45 33.86 9.16 -2.98
N LYS A 46 34.35 7.96 -2.66
CA LYS A 46 35.74 7.53 -2.84
C LYS A 46 36.09 7.36 -4.33
N GLY A 47 35.06 7.33 -5.20
CA GLY A 47 35.19 7.20 -6.65
C GLY A 47 34.76 8.44 -7.40
N GLY A 48 34.66 9.58 -6.70
CA GLY A 48 34.29 10.83 -7.32
C GLY A 48 32.94 11.35 -6.91
N THR A 49 32.54 12.48 -7.48
CA THR A 49 31.21 13.03 -7.20
C THR A 49 30.26 12.36 -8.19
N PHE A 50 29.12 11.89 -7.70
CA PHE A 50 28.10 11.30 -8.57
C PHE A 50 26.75 11.92 -8.27
N ALA A 51 25.81 11.71 -9.16
CA ALA A 51 24.44 12.15 -8.93
C ALA A 51 23.63 10.99 -8.35
N SER A 52 22.65 11.28 -7.51
CA SER A 52 21.75 10.27 -6.94
C SER A 52 20.34 10.75 -7.26
N VAL A 53 19.56 9.93 -8.01
CA VAL A 53 18.21 10.33 -8.37
CA VAL A 53 18.21 10.30 -8.41
C VAL A 53 17.20 9.54 -7.56
N SER A 54 16.23 10.25 -6.98
CA SER A 54 15.22 9.57 -6.20
C SER A 54 13.82 10.13 -6.49
N ILE A 55 12.82 9.42 -6.03
CA ILE A 55 11.40 9.76 -6.15
C ILE A 55 10.86 9.66 -4.71
N PRO A 56 9.90 10.52 -4.26
CA PRO A 56 9.42 10.40 -2.87
C PRO A 56 8.84 9.02 -2.61
N GLY A 57 9.33 8.39 -1.55
CA GLY A 57 8.91 7.06 -1.13
C GLY A 57 9.53 5.90 -1.89
N ALA A 58 10.58 6.18 -2.69
CA ALA A 58 11.25 5.15 -3.47
C ALA A 58 12.51 4.67 -2.77
N PHE A 59 13.09 3.55 -3.25
CA PHE A 59 14.33 3.00 -2.71
C PHE A 59 15.29 2.73 -3.86
N PRO A 60 16.61 2.82 -3.61
CA PRO A 60 17.58 2.61 -4.70
C PRO A 60 17.72 1.14 -5.07
N THR A 61 17.83 0.89 -6.38
CA THR A 61 18.00 -0.43 -6.96
C THR A 61 19.14 -0.42 -7.99
N GLY A 62 19.61 -1.60 -8.35
CA GLY A 62 20.66 -1.77 -9.35
C GLY A 62 21.63 -2.84 -8.96
N GLU A 63 22.42 -3.32 -9.92
CA GLU A 63 23.45 -4.31 -9.60
C GLU A 63 24.58 -3.60 -8.89
N VAL A 64 25.26 -4.29 -7.98
CA VAL A 64 26.40 -3.73 -7.25
C VAL A 64 27.46 -3.25 -8.30
N GLY A 65 27.91 -2.01 -8.18
CA GLY A 65 28.87 -1.41 -9.10
C GLY A 65 28.27 -0.69 -10.29
N SER A 66 26.95 -0.89 -10.54
CA SER A 66 26.22 -0.28 -11.66
C SER A 66 25.37 0.90 -11.18
N PRO A 67 24.95 1.80 -12.10
CA PRO A 67 24.13 2.97 -11.67
C PRO A 67 22.87 2.61 -10.88
N GLU A 68 22.70 3.29 -9.76
CA GLU A 68 21.55 3.12 -8.91
C GLU A 68 20.32 3.89 -9.47
N VAL A 69 19.15 3.27 -9.48
CA VAL A 69 17.93 3.95 -9.95
C VAL A 69 16.81 3.72 -8.92
N PRO A 70 15.87 4.68 -8.75
CA PRO A 70 14.82 4.48 -7.74
C PRO A 70 13.67 3.59 -8.24
N ALA A 71 13.15 2.78 -7.31
CA ALA A 71 11.98 1.95 -7.61
C ALA A 71 11.01 2.10 -6.45
N VAL A 72 9.74 1.81 -6.68
CA VAL A 72 8.71 1.96 -5.65
C VAL A 72 8.16 0.58 -5.38
N ARG A 73 7.89 0.29 -4.12
CA ARG A 73 7.37 -1.01 -3.70
C ARG A 73 6.06 -0.84 -2.93
N LYS A 74 5.03 -1.59 -3.33
CA LYS A 74 3.74 -1.62 -2.65
C LYS A 74 3.49 -3.02 -2.09
N LEU A 75 3.13 -3.12 -0.81
CA LEU A 75 2.86 -4.42 -0.19
C LEU A 75 1.38 -4.65 -0.21
N ILE A 76 0.96 -5.87 -0.61
CA ILE A 76 -0.45 -6.22 -0.73
C ILE A 76 -0.74 -7.55 -0.05
N ALA A 77 -1.93 -7.67 0.52
CA ALA A 77 -2.41 -8.90 1.14
C ALA A 77 -2.97 -9.77 0.03
N VAL A 78 -2.59 -11.05 0.00
CA VAL A 78 -3.02 -11.99 -1.03
C VAL A 78 -4.01 -13.00 -0.43
N PRO A 79 -5.24 -13.13 -1.02
CA PRO A 79 -6.18 -14.13 -0.51
C PRO A 79 -5.63 -15.56 -0.58
N VAL A 80 -6.15 -16.45 0.27
CA VAL A 80 -5.73 -17.85 0.35
C VAL A 80 -5.98 -18.54 -1.01
N GLY A 81 -4.96 -19.22 -1.50
CA GLY A 81 -5.00 -19.97 -2.76
C GLY A 81 -4.91 -19.13 -4.02
N ALA A 82 -4.73 -17.80 -3.87
CA ALA A 82 -4.66 -16.90 -5.01
C ALA A 82 -3.22 -16.57 -5.39
N THR A 83 -3.03 -16.24 -6.68
CA THR A 83 -1.78 -15.79 -7.27
C THR A 83 -2.03 -14.37 -7.80
N PRO A 84 -1.31 -13.33 -7.33
CA PRO A 84 -1.54 -11.99 -7.89
C PRO A 84 -0.91 -11.90 -9.27
N VAL A 85 -1.66 -11.36 -10.26
CA VAL A 85 -1.15 -11.17 -11.60
C VAL A 85 -1.38 -9.70 -11.98
N VAL A 86 -0.31 -9.04 -12.37
CA VAL A 86 -0.36 -7.64 -12.77
C VAL A 86 -0.54 -7.55 -14.27
N ARG A 87 -1.40 -6.62 -14.71
CA ARG A 87 -1.54 -6.29 -16.13
C ARG A 87 -1.33 -4.82 -16.27
N VAL A 88 -0.41 -4.41 -17.15
CA VAL A 88 -0.13 -3.00 -17.39
C VAL A 88 -1.15 -2.51 -18.40
N LYS A 89 -1.93 -1.49 -18.04
CA LYS A 89 -2.94 -0.95 -18.94
C LYS A 89 -2.37 0.17 -19.80
N SER A 90 -1.66 1.13 -19.18
CA SER A 90 -1.14 2.27 -19.87
C SER A 90 -0.07 2.97 -19.03
N PHE A 91 0.71 3.82 -19.68
CA PHE A 91 1.70 4.68 -19.07
C PHE A 91 2.16 5.69 -20.11
N THR A 92 2.75 6.78 -19.64
CA THR A 92 3.39 7.76 -20.49
C THR A 92 4.89 7.54 -20.34
N GLU A 93 5.67 8.08 -21.26
CA GLU A 93 7.12 7.93 -21.19
C GLU A 93 7.78 9.17 -21.75
N GLN A 94 8.80 9.69 -21.04
CA GLN A 94 9.58 10.86 -21.49
C GLN A 94 11.05 10.65 -21.16
N VAL A 95 11.94 11.26 -21.95
CA VAL A 95 13.39 11.21 -21.72
C VAL A 95 13.82 12.57 -21.12
N TYR A 96 14.76 12.53 -20.15
CA TYR A 96 15.29 13.73 -19.48
C TYR A 96 16.81 13.68 -19.55
N SER A 97 17.42 14.69 -20.18
CA SER A 97 18.88 14.78 -20.32
C SER A 97 19.43 15.36 -19.03
N LEU A 98 20.39 14.68 -18.38
CA LEU A 98 20.91 15.16 -17.09
C LEU A 98 22.16 16.03 -17.22
N ASN A 99 22.85 16.02 -18.35
CA ASN A 99 24.09 16.80 -18.48
C ASN A 99 23.90 18.29 -18.20
N GLN A 100 22.71 18.84 -18.46
CA GLN A 100 22.41 20.25 -18.18
C GLN A 100 22.46 20.59 -16.66
N TYR A 101 22.38 19.58 -15.78
CA TYR A 101 22.45 19.75 -14.31
C TYR A 101 23.83 19.44 -13.79
N GLY A 102 24.58 18.69 -14.57
CA GLY A 102 25.95 18.30 -14.25
C GLY A 102 26.38 17.11 -15.06
N SER A 103 27.68 16.99 -15.33
CA SER A 103 28.17 15.89 -16.14
C SER A 103 28.33 14.58 -15.33
N GLU A 104 28.22 14.64 -13.98
CA GLU A 104 28.34 13.44 -13.13
C GLU A 104 27.29 12.41 -13.50
N LYS A 105 27.71 11.14 -13.50
CA LYS A 105 26.79 10.04 -13.76
C LYS A 105 26.08 9.65 -12.48
N LEU A 106 25.05 8.80 -12.59
CA LEU A 106 24.38 8.26 -11.42
C LEU A 106 25.35 7.43 -10.61
N MET A 107 25.20 7.52 -9.30
CA MET A 107 26.07 6.84 -8.35
CA MET A 107 26.02 6.84 -8.32
C MET A 107 26.02 5.32 -8.49
N PRO A 108 27.18 4.61 -8.33
CA PRO A 108 27.11 3.15 -8.43
C PRO A 108 26.52 2.54 -7.16
N HIS A 109 25.72 1.50 -7.33
CA HIS A 109 25.10 0.80 -6.21
C HIS A 109 26.19 0.08 -5.38
N GLN A 110 26.24 0.36 -4.09
CA GLN A 110 27.22 -0.22 -3.20
C GLN A 110 26.66 -1.47 -2.51
N PRO A 111 27.55 -2.45 -2.14
CA PRO A 111 27.09 -3.65 -1.42
C PRO A 111 26.51 -3.34 -0.05
N SER A 112 25.70 -4.25 0.51
CA SER A 112 25.16 -4.03 1.85
C SER A 112 26.30 -4.03 2.87
N MET A 113 26.20 -3.19 3.90
CA MET A 113 27.23 -3.05 4.92
C MET A 113 27.28 -4.23 5.86
N SER A 114 28.49 -4.73 6.12
CA SER A 114 28.74 -5.79 7.10
C SER A 114 28.92 -5.07 8.43
N LYS A 115 28.09 -5.41 9.43
CA LYS A 115 28.01 -4.78 10.75
C LYS A 115 29.38 -4.54 11.46
N SER A 116 30.35 -5.48 11.38
CA SER A 116 31.68 -5.37 12.02
C SER A 116 32.71 -4.56 11.21
N ASP A 117 32.36 -4.15 9.99
CA ASP A 117 33.28 -3.38 9.14
C ASP A 117 33.42 -1.93 9.55
N ASP A 118 34.62 -1.39 9.38
CA ASP A 118 34.92 0.04 9.49
C ASP A 118 34.41 0.64 8.17
N PRO A 119 33.39 1.54 8.18
CA PRO A 119 32.85 2.07 6.90
C PRO A 119 33.90 2.78 6.04
N GLU A 120 34.91 3.37 6.70
CA GLU A 120 35.99 4.06 6.03
C GLU A 120 36.86 3.13 5.19
N LYS A 121 36.95 1.84 5.57
CA LYS A 121 37.83 0.88 4.90
C LYS A 121 37.09 -0.04 3.95
N VAL A 122 35.80 0.21 3.75
CA VAL A 122 35.00 -0.59 2.83
C VAL A 122 35.42 -0.24 1.41
N PRO A 123 35.84 -1.22 0.58
CA PRO A 123 36.22 -0.88 -0.80
C PRO A 123 35.00 -0.40 -1.61
N PHE A 124 35.21 0.69 -2.33
CA PHE A 124 34.20 1.29 -3.18
C PHE A 124 34.12 0.47 -4.46
N VAL A 125 32.88 0.13 -4.87
CA VAL A 125 32.67 -0.76 -6.02
C VAL A 125 32.17 0.07 -7.21
N TYR A 126 32.89 -0.04 -8.34
CA TYR A 126 32.58 0.74 -9.52
C TYR A 126 32.87 -0.12 -10.71
N ASN A 127 31.83 -0.50 -11.44
CA ASN A 127 31.96 -1.32 -12.64
C ASN A 127 32.17 -0.40 -13.86
N ALA A 128 33.44 -0.15 -14.23
CA ALA A 128 33.76 0.77 -15.32
C ALA A 128 33.13 0.33 -16.63
N ALA A 129 33.05 -0.99 -16.88
CA ALA A 129 32.43 -1.55 -18.09
C ALA A 129 30.95 -1.19 -18.17
N ALA A 130 30.22 -1.27 -17.05
CA ALA A 130 28.82 -0.87 -17.04
C ALA A 130 28.68 0.64 -17.34
N TYR A 131 29.61 1.47 -16.86
CA TYR A 131 29.54 2.94 -17.07
C TYR A 131 29.91 3.33 -18.51
N ALA A 132 30.36 2.39 -19.34
CA ALA A 132 30.73 2.64 -20.73
C ALA A 132 29.71 2.03 -21.71
N ARG A 133 28.72 1.33 -21.18
CA ARG A 133 27.68 0.68 -21.96
C ARG A 133 26.61 1.69 -22.44
N LYS A 134 26.45 1.80 -23.77
CA LYS A 134 25.50 2.71 -24.40
C LYS A 134 24.07 2.17 -24.33
N GLY A 135 23.08 3.05 -24.42
CA GLY A 135 21.67 2.67 -24.42
C GLY A 135 21.01 2.61 -23.06
N PHE A 136 19.66 2.56 -23.05
CA PHE A 136 18.88 2.52 -21.82
C PHE A 136 18.92 1.16 -21.16
N VAL A 137 19.15 1.17 -19.84
CA VAL A 137 19.22 0.00 -18.98
C VAL A 137 18.24 0.21 -17.82
N GLY A 138 17.47 -0.85 -17.56
CA GLY A 138 16.52 -0.87 -16.46
C GLY A 138 15.80 -2.20 -16.33
N GLN A 139 14.97 -2.30 -15.29
CA GLN A 139 14.16 -3.47 -14.96
C GLN A 139 12.83 -3.41 -15.70
N GLU A 140 12.07 -4.55 -15.71
CA GLU A 140 10.71 -4.58 -16.26
C GLU A 140 9.91 -3.59 -15.43
N LEU A 141 8.93 -2.90 -16.04
CA LEU A 141 8.14 -1.88 -15.36
C LEU A 141 7.50 -2.38 -14.05
N THR A 142 6.98 -3.61 -14.06
CA THR A 142 6.29 -4.17 -12.88
C THR A 142 6.82 -5.55 -12.58
N GLN A 143 6.85 -5.86 -11.28
CA GLN A 143 7.23 -7.18 -10.78
C GLN A 143 6.31 -7.52 -9.61
N VAL A 144 5.97 -8.80 -9.46
CA VAL A 144 5.16 -9.35 -8.36
C VAL A 144 5.97 -10.47 -7.74
N GLU A 145 6.15 -10.44 -6.42
CA GLU A 145 6.89 -11.46 -5.69
C GLU A 145 6.17 -11.79 -4.38
N MET A 146 5.91 -13.08 -4.14
CA MET A 146 5.31 -13.54 -2.88
C MET A 146 6.41 -13.48 -1.83
N LEU A 147 6.19 -12.72 -0.73
CA LEU A 147 7.22 -12.56 0.29
C LEU A 147 7.12 -13.62 1.38
N GLY A 148 5.92 -14.12 1.60
CA GLY A 148 5.63 -15.10 2.64
C GLY A 148 4.39 -14.74 3.42
N THR A 149 4.20 -15.40 4.57
CA THR A 149 3.05 -15.21 5.44
C THR A 149 3.51 -14.68 6.80
N MET A 150 2.82 -13.65 7.30
CA MET A 150 3.07 -13.01 8.58
C MET A 150 1.77 -12.73 9.29
N ARG A 151 1.59 -13.39 10.46
CA ARG A 151 0.41 -13.27 11.33
C ARG A 151 -0.89 -13.55 10.55
N GLY A 152 -0.91 -14.69 9.85
CA GLY A 152 -2.03 -15.18 9.05
C GLY A 152 -2.31 -14.41 7.77
N VAL A 153 -1.39 -13.52 7.36
CA VAL A 153 -1.56 -12.68 6.17
C VAL A 153 -0.48 -13.01 5.13
N ARG A 154 -0.89 -13.50 3.94
CA ARG A 154 0.02 -13.74 2.82
C ARG A 154 0.34 -12.40 2.21
N ILE A 155 1.63 -12.07 2.08
CA ILE A 155 2.06 -10.77 1.59
C ILE A 155 2.83 -10.89 0.29
N ALA A 156 2.46 -10.04 -0.67
CA ALA A 156 3.19 -9.94 -1.92
C ALA A 156 3.77 -8.53 -2.05
N ALA A 157 4.90 -8.40 -2.75
CA ALA A 157 5.51 -7.12 -3.06
C ALA A 157 5.31 -6.86 -4.51
N LEU A 158 4.66 -5.73 -4.79
CA LEU A 158 4.42 -5.21 -6.13
C LEU A 158 5.47 -4.12 -6.33
N THR A 159 6.43 -4.35 -7.23
CA THR A 159 7.49 -3.38 -7.47
C THR A 159 7.25 -2.68 -8.80
N ILE A 160 7.34 -1.36 -8.79
CA ILE A 160 7.20 -0.50 -9.97
C ILE A 160 8.57 0.12 -10.23
N ASN A 161 9.10 -0.06 -11.44
CA ASN A 161 10.42 0.42 -11.84
C ASN A 161 10.26 1.51 -12.92
N PRO A 162 9.94 2.75 -12.54
CA PRO A 162 9.63 3.76 -13.57
C PRO A 162 10.86 4.32 -14.31
N VAL A 163 12.09 4.05 -13.81
CA VAL A 163 13.29 4.70 -14.36
C VAL A 163 14.23 3.75 -15.07
N GLN A 164 14.62 4.13 -16.29
CA GLN A 164 15.66 3.50 -17.08
C GLN A 164 16.73 4.57 -17.26
N TYR A 165 17.98 4.16 -17.39
CA TYR A 165 19.08 5.12 -17.51
C TYR A 165 20.05 4.71 -18.60
N ASP A 166 20.48 5.70 -19.41
CA ASP A 166 21.51 5.57 -20.43
C ASP A 166 22.70 6.29 -19.86
N VAL A 167 23.64 5.53 -19.30
CA VAL A 167 24.78 6.15 -18.61
C VAL A 167 25.68 7.00 -19.54
N VAL A 168 25.91 6.54 -20.80
CA VAL A 168 26.81 7.27 -21.70
C VAL A 168 26.17 8.61 -22.09
N ALA A 169 24.87 8.58 -22.45
CA ALA A 169 24.16 9.82 -22.80
C ALA A 169 23.78 10.64 -21.55
N ASN A 170 23.86 10.02 -20.34
CA ASN A 170 23.43 10.60 -19.04
C ASN A 170 21.97 11.07 -19.15
N GLN A 171 21.13 10.17 -19.59
CA GLN A 171 19.71 10.44 -19.78
C GLN A 171 18.86 9.49 -18.99
N LEU A 172 17.78 10.02 -18.43
CA LEU A 172 16.77 9.18 -17.77
C LEU A 172 15.61 8.95 -18.71
N LYS A 173 15.02 7.76 -18.69
CA LYS A 173 13.76 7.49 -19.40
C LYS A 173 12.78 7.16 -18.30
N VAL A 174 11.78 8.01 -18.11
CA VAL A 174 10.85 7.86 -17.00
C VAL A 174 9.45 7.48 -17.50
N ARG A 175 8.92 6.35 -17.01
CA ARG A 175 7.55 5.95 -17.29
C ARG A 175 6.67 6.51 -16.19
N ASN A 176 5.52 7.10 -16.55
CA ASN A 176 4.70 7.79 -15.58
C ASN A 176 3.23 7.52 -15.84
N ASN A 177 2.34 8.00 -14.94
CA ASN A 177 0.88 7.82 -15.09
C ASN A 177 0.61 6.34 -15.36
N ILE A 178 1.25 5.49 -14.56
CA ILE A 178 1.22 4.05 -14.78
C ILE A 178 -0.08 3.49 -14.24
N GLU A 179 -0.89 2.90 -15.12
CA GLU A 179 -2.18 2.31 -14.77
C GLU A 179 -2.08 0.81 -14.87
N ILE A 180 -2.38 0.13 -13.77
CA ILE A 180 -2.31 -1.33 -13.76
C ILE A 180 -3.58 -1.94 -13.17
N GLU A 181 -3.74 -3.21 -13.41
CA GLU A 181 -4.81 -4.03 -12.85
C GLU A 181 -4.15 -5.20 -12.17
N VAL A 182 -4.50 -5.46 -10.91
CA VAL A 182 -4.00 -6.60 -10.17
C VAL A 182 -5.17 -7.56 -9.97
N SER A 183 -5.03 -8.80 -10.47
CA SER A 183 -6.04 -9.87 -10.40
C SER A 183 -5.54 -10.99 -9.52
N PHE A 184 -6.40 -11.51 -8.67
CA PHE A 184 -6.01 -12.62 -7.81
C PHE A 184 -6.53 -13.88 -8.47
N GLN A 185 -5.65 -14.55 -9.22
CA GLN A 185 -5.99 -15.77 -9.97
C GLN A 185 -6.07 -16.94 -9.02
N GLY A 186 -7.16 -17.69 -9.07
CA GLY A 186 -7.41 -18.85 -8.23
C GLY A 186 -8.30 -19.89 -8.89
N ALA A 187 -8.13 -21.18 -8.52
CA ALA A 187 -8.86 -22.38 -9.00
C ALA A 187 -8.10 -23.66 -8.63
N GLY B 4 -29.40 -16.83 -0.07
CA GLY B 4 -29.47 -15.37 -0.08
C GLY B 4 -28.13 -14.75 -0.39
N SER B 5 -27.61 -15.07 -1.60
CA SER B 5 -26.31 -14.59 -2.01
C SER B 5 -26.30 -13.12 -2.43
N GLN B 6 -27.34 -12.61 -3.18
CA GLN B 6 -27.30 -11.21 -3.65
C GLN B 6 -27.51 -10.22 -2.50
N SER B 7 -26.51 -9.40 -2.30
CA SER B 7 -26.49 -8.41 -1.24
C SER B 7 -27.38 -7.20 -1.53
N ALA B 8 -27.86 -6.59 -0.45
CA ALA B 8 -28.50 -5.29 -0.47
C ALA B 8 -27.33 -4.28 -0.52
N LYS B 9 -27.37 -3.35 -1.49
CA LYS B 9 -26.33 -2.33 -1.67
C LYS B 9 -26.82 -1.05 -1.05
N ILE B 10 -26.12 -0.60 0.00
CA ILE B 10 -26.44 0.60 0.77
C ILE B 10 -25.46 1.68 0.33
N LYS B 11 -25.97 2.73 -0.33
CA LYS B 11 -25.13 3.82 -0.87
C LYS B 11 -24.48 4.61 0.27
N LEU B 12 -23.14 4.75 0.23
CA LEU B 12 -22.39 5.54 1.18
C LEU B 12 -22.10 6.93 0.58
N ASP B 13 -21.62 7.86 1.43
CA ASP B 13 -21.32 9.23 1.00
C ASP B 13 -19.93 9.42 0.33
N ALA B 14 -19.64 8.62 -0.72
CA ALA B 14 -18.45 8.77 -1.58
C ALA B 14 -18.75 8.12 -2.93
N PRO B 15 -18.31 8.72 -4.04
CA PRO B 15 -18.65 8.16 -5.36
C PRO B 15 -17.95 6.83 -5.69
N THR B 16 -16.75 6.59 -5.13
CA THR B 16 -15.99 5.37 -5.44
C THR B 16 -15.27 4.79 -4.25
N THR B 17 -14.95 3.49 -4.31
CA THR B 17 -14.12 2.86 -3.29
C THR B 17 -12.68 3.04 -3.78
N ARG B 18 -11.95 3.91 -3.10
CA ARG B 18 -10.62 4.28 -3.53
C ARG B 18 -9.73 4.57 -2.33
N THR B 19 -8.46 4.21 -2.44
CA THR B 19 -7.44 4.54 -1.44
C THR B 19 -6.40 5.34 -2.18
N THR B 20 -5.94 6.45 -1.58
CA THR B 20 -4.86 7.22 -2.22
C THR B 20 -3.72 7.45 -1.24
N CYS B 21 -2.51 7.55 -1.75
CA CYS B 21 -1.34 7.86 -0.95
C CYS B 21 -0.60 8.94 -1.69
N THR B 22 -0.44 10.08 -1.02
CA THR B 22 0.23 11.22 -1.61
C THR B 22 1.52 11.33 -0.81
N ASN B 23 2.63 10.86 -1.43
CA ASN B 23 3.94 10.79 -0.79
C ASN B 23 4.67 12.11 -0.95
N ASN B 24 4.64 12.93 0.11
CA ASN B 24 5.25 14.25 0.14
C ASN B 24 6.77 14.15 0.42
N SER B 25 7.14 13.53 1.56
CA SER B 25 8.53 13.33 1.99
C SER B 25 8.86 11.84 2.18
N PHE B 26 10.10 11.53 2.59
CA PHE B 26 10.54 10.16 2.85
C PHE B 26 10.13 9.76 4.28
N LYS B 27 9.92 10.77 5.13
CA LYS B 27 9.51 10.65 6.54
C LYS B 27 7.99 10.73 6.70
N GLN B 28 7.23 11.13 5.66
CA GLN B 28 5.79 11.36 5.78
C GLN B 28 4.99 11.19 4.48
N PHE B 29 3.76 10.62 4.59
CA PHE B 29 2.84 10.47 3.48
C PHE B 29 1.42 10.72 4.00
N ASP B 30 0.57 11.20 3.13
CA ASP B 30 -0.86 11.37 3.42
C ASP B 30 -1.59 10.24 2.75
N ALA B 31 -2.65 9.77 3.36
CA ALA B 31 -3.49 8.73 2.77
C ALA B 31 -4.94 9.07 2.91
N SER B 32 -5.76 8.57 2.00
CA SER B 32 -7.19 8.80 2.04
C SER B 32 -7.92 7.54 1.71
N PHE B 33 -8.99 7.27 2.44
CA PHE B 33 -9.77 6.05 2.24
C PHE B 33 -11.21 6.42 2.03
N SER B 34 -11.80 5.97 0.93
CA SER B 34 -13.22 6.24 0.71
C SER B 34 -13.91 4.96 0.24
N PHE B 35 -15.20 4.88 0.52
CA PHE B 35 -16.03 3.67 0.26
C PHE B 35 -17.35 4.09 -0.37
N ASN B 36 -17.76 3.48 -1.53
CA ASN B 36 -18.98 3.94 -2.22
C ASN B 36 -20.24 3.30 -1.66
N GLU B 37 -20.14 2.11 -1.10
CA GLU B 37 -21.30 1.41 -0.55
C GLU B 37 -20.89 0.33 0.42
N VAL B 38 -21.88 -0.09 1.21
CA VAL B 38 -21.86 -1.23 2.12
C VAL B 38 -22.75 -2.27 1.45
N GLU B 39 -22.36 -3.55 1.52
CA GLU B 39 -23.13 -4.68 1.02
C GLU B 39 -23.64 -5.43 2.23
N LEU B 40 -24.95 -5.65 2.30
CA LEU B 40 -25.59 -6.37 3.39
C LEU B 40 -26.18 -7.67 2.85
N THR B 41 -25.71 -8.80 3.38
CA THR B 41 -26.18 -10.12 3.00
C THR B 41 -26.78 -10.84 4.17
N LYS B 42 -27.78 -11.68 3.94
CA LYS B 42 -28.34 -12.49 5.00
C LYS B 42 -27.61 -13.81 4.98
N VAL B 43 -27.16 -14.26 6.16
CA VAL B 43 -26.35 -15.46 6.29
C VAL B 43 -27.01 -16.43 7.26
N GLU B 44 -27.12 -17.69 6.83
CA GLU B 44 -27.66 -18.74 7.67
C GLU B 44 -26.52 -19.33 8.49
N THR B 45 -26.69 -19.40 9.82
CA THR B 45 -25.66 -19.93 10.70
C THR B 45 -26.25 -20.96 11.65
N LYS B 46 -25.37 -21.55 12.50
CA LYS B 46 -25.76 -22.50 13.55
C LYS B 46 -26.61 -21.79 14.62
N GLY B 47 -26.39 -20.47 14.74
CA GLY B 47 -27.04 -19.61 15.72
C GLY B 47 -28.17 -18.76 15.17
N GLY B 48 -28.67 -19.11 13.98
CA GLY B 48 -29.77 -18.40 13.33
C GLY B 48 -29.36 -17.59 12.13
N THR B 49 -30.32 -16.86 11.56
CA THR B 49 -30.04 -16.00 10.42
C THR B 49 -29.55 -14.66 10.95
N PHE B 50 -28.46 -14.18 10.36
CA PHE B 50 -27.89 -12.89 10.72
C PHE B 50 -27.60 -12.08 9.49
N ALA B 51 -27.37 -10.78 9.65
CA ALA B 51 -26.95 -9.93 8.53
C ALA B 51 -25.42 -9.87 8.53
N SER B 52 -24.81 -9.67 7.37
CA SER B 52 -23.35 -9.55 7.25
C SER B 52 -23.08 -8.34 6.42
N VAL B 53 -22.33 -7.36 6.96
CA VAL B 53 -22.01 -6.13 6.23
C VAL B 53 -20.56 -6.13 5.79
N SER B 54 -20.35 -5.80 4.52
CA SER B 54 -19.00 -5.74 3.97
C SER B 54 -18.79 -4.48 3.15
N ILE B 55 -17.52 -4.18 2.89
CA ILE B 55 -17.10 -3.06 2.07
C ILE B 55 -16.09 -3.68 1.08
N PRO B 56 -16.05 -3.25 -0.22
CA PRO B 56 -15.09 -3.87 -1.15
C PRO B 56 -13.66 -3.64 -0.68
N GLY B 57 -12.90 -4.72 -0.64
CA GLY B 57 -11.51 -4.73 -0.22
C GLY B 57 -11.30 -4.77 1.29
N ALA B 58 -12.36 -4.98 2.06
CA ALA B 58 -12.29 -5.03 3.50
C ALA B 58 -12.27 -6.48 3.99
N PHE B 59 -11.97 -6.69 5.27
CA PHE B 59 -11.99 -8.00 5.90
C PHE B 59 -12.82 -7.91 7.18
N PRO B 60 -13.45 -9.01 7.62
CA PRO B 60 -14.29 -8.91 8.81
C PRO B 60 -13.47 -8.88 10.10
N THR B 61 -13.89 -8.04 11.05
CA THR B 61 -13.27 -7.83 12.36
C THR B 61 -14.30 -7.79 13.45
N GLY B 62 -13.81 -7.70 14.68
CA GLY B 62 -14.62 -7.65 15.89
C GLY B 62 -14.07 -8.67 16.86
N GLU B 63 -14.53 -8.59 18.11
CA GLU B 63 -14.13 -9.59 19.08
C GLU B 63 -14.88 -10.87 18.76
N VAL B 64 -14.27 -12.01 19.02
CA VAL B 64 -14.91 -13.32 18.78
C VAL B 64 -16.23 -13.35 19.59
N GLY B 65 -17.34 -13.65 18.93
CA GLY B 65 -18.67 -13.71 19.53
C GLY B 65 -19.45 -12.43 19.45
N SER B 66 -18.79 -11.32 19.08
CA SER B 66 -19.41 -9.99 18.97
C SER B 66 -19.70 -9.66 17.51
N PRO B 67 -20.60 -8.68 17.22
CA PRO B 67 -20.91 -8.36 15.83
C PRO B 67 -19.69 -8.06 14.96
N GLU B 68 -19.65 -8.70 13.80
CA GLU B 68 -18.58 -8.55 12.81
C GLU B 68 -18.78 -7.29 12.03
N VAL B 69 -17.68 -6.54 11.83
CA VAL B 69 -17.74 -5.31 11.06
C VAL B 69 -16.54 -5.29 10.12
N PRO B 70 -16.70 -4.73 8.93
CA PRO B 70 -15.57 -4.70 7.99
C PRO B 70 -14.51 -3.64 8.32
N ALA B 71 -13.22 -3.99 8.16
CA ALA B 71 -12.12 -3.05 8.36
C ALA B 71 -11.20 -3.16 7.17
N VAL B 72 -10.39 -2.16 6.95
CA VAL B 72 -9.47 -2.18 5.82
C VAL B 72 -8.06 -2.16 6.39
N ARG B 73 -7.17 -2.95 5.80
CA ARG B 73 -5.78 -3.07 6.23
C ARG B 73 -4.87 -2.73 5.09
N LYS B 74 -3.95 -1.79 5.34
CA LYS B 74 -2.93 -1.38 4.40
C LYS B 74 -1.56 -1.78 4.94
N LEU B 75 -0.77 -2.48 4.12
CA LEU B 75 0.56 -2.90 4.54
C LEU B 75 1.56 -1.89 4.04
N ILE B 76 2.46 -1.45 4.92
CA ILE B 76 3.44 -0.43 4.58
C ILE B 76 4.83 -0.85 5.01
N ALA B 77 5.83 -0.45 4.22
CA ALA B 77 7.23 -0.68 4.53
C ALA B 77 7.67 0.42 5.49
N VAL B 78 8.31 0.03 6.61
CA VAL B 78 8.75 0.95 7.64
C VAL B 78 10.28 1.13 7.56
N PRO B 79 10.79 2.38 7.41
CA PRO B 79 12.25 2.58 7.40
C PRO B 79 12.91 2.08 8.68
N VAL B 80 14.21 1.76 8.59
CA VAL B 80 14.99 1.24 9.71
C VAL B 80 15.03 2.29 10.84
N GLY B 81 14.72 1.85 12.05
CA GLY B 81 14.72 2.69 13.24
C GLY B 81 13.53 3.61 13.40
N ALA B 82 12.56 3.53 12.49
CA ALA B 82 11.38 4.38 12.52
C ALA B 82 10.17 3.68 13.15
N THR B 83 9.28 4.50 13.71
CA THR B 83 7.99 4.08 14.27
C THR B 83 6.90 4.81 13.46
N PRO B 84 5.96 4.10 12.80
CA PRO B 84 4.90 4.83 12.07
C PRO B 84 3.89 5.41 13.06
N VAL B 85 3.53 6.69 12.87
CA VAL B 85 2.57 7.40 13.72
C VAL B 85 1.49 8.02 12.81
N VAL B 86 0.25 7.66 13.09
CA VAL B 86 -0.88 8.14 12.31
C VAL B 86 -1.51 9.36 12.98
N ARG B 87 -1.87 10.37 12.18
CA ARG B 87 -2.65 11.53 12.63
C ARG B 87 -3.89 11.61 11.75
N VAL B 88 -5.07 11.63 12.35
CA VAL B 88 -6.33 11.75 11.61
C VAL B 88 -6.55 13.22 11.30
N LYS B 89 -6.73 13.55 10.01
CA LYS B 89 -6.99 14.94 9.63
C LYS B 89 -8.48 15.24 9.52
N SER B 90 -9.25 14.33 8.90
CA SER B 90 -10.69 14.52 8.69
C SER B 90 -11.37 13.24 8.26
N PHE B 91 -12.70 13.25 8.32
CA PHE B 91 -13.57 12.16 7.82
C PHE B 91 -14.99 12.66 7.82
N THR B 92 -15.85 11.98 7.08
CA THR B 92 -17.27 12.25 7.10
C THR B 92 -17.90 11.13 7.92
N GLU B 93 -19.11 11.36 8.42
CA GLU B 93 -19.76 10.35 9.25
C GLU B 93 -21.24 10.40 9.02
N GLN B 94 -21.87 9.22 8.88
CA GLN B 94 -23.32 9.11 8.69
C GLN B 94 -23.80 7.85 9.41
N VAL B 95 -25.03 7.88 9.92
CA VAL B 95 -25.67 6.72 10.56
C VAL B 95 -26.65 6.09 9.55
N TYR B 96 -26.70 4.74 9.52
CA TYR B 96 -27.57 3.98 8.62
C TYR B 96 -28.37 2.98 9.45
N SER B 97 -29.69 3.09 9.39
CA SER B 97 -30.59 2.21 10.13
C SER B 97 -30.75 0.92 9.33
N LEU B 98 -30.52 -0.24 9.97
CA LEU B 98 -30.59 -1.51 9.25
C LEU B 98 -31.93 -2.22 9.39
N ASN B 99 -32.80 -1.81 10.34
CA ASN B 99 -34.06 -2.52 10.52
C ASN B 99 -34.92 -2.53 9.25
N GLN B 100 -34.79 -1.49 8.39
CA GLN B 100 -35.56 -1.41 7.12
C GLN B 100 -35.18 -2.54 6.13
N TYR B 101 -34.03 -3.22 6.34
CA TYR B 101 -33.57 -4.34 5.49
C TYR B 101 -33.93 -5.66 6.17
N GLY B 102 -34.04 -5.64 7.48
CA GLY B 102 -34.43 -6.81 8.28
C GLY B 102 -34.10 -6.60 9.74
N SER B 103 -34.79 -7.29 10.61
CA SER B 103 -34.55 -7.10 12.04
C SER B 103 -33.34 -7.94 12.55
N GLU B 104 -32.78 -8.85 11.71
CA GLU B 104 -31.62 -9.67 12.11
C GLU B 104 -30.43 -8.78 12.45
N LYS B 105 -29.67 -9.16 13.49
CA LYS B 105 -28.49 -8.38 13.86
C LYS B 105 -27.31 -8.80 13.01
N LEU B 106 -26.20 -8.04 13.09
CA LEU B 106 -24.98 -8.42 12.39
C LEU B 106 -24.47 -9.73 12.95
N MET B 107 -23.91 -10.58 12.08
CA MET B 107 -23.43 -11.92 12.46
C MET B 107 -22.24 -11.82 13.44
N PRO B 108 -22.15 -12.77 14.39
CA PRO B 108 -21.03 -12.73 15.34
C PRO B 108 -19.71 -13.20 14.72
N HIS B 109 -18.61 -12.53 15.08
CA HIS B 109 -17.27 -12.88 14.59
C HIS B 109 -16.86 -14.25 15.13
N GLN B 110 -16.50 -15.16 14.22
CA GLN B 110 -16.09 -16.53 14.57
C GLN B 110 -14.56 -16.64 14.68
N PRO B 111 -13.98 -17.58 15.46
CA PRO B 111 -12.51 -17.56 15.70
C PRO B 111 -11.56 -17.75 14.50
N SER B 112 -11.83 -18.67 13.54
CA SER B 112 -10.85 -18.92 12.46
C SER B 112 -11.48 -19.35 11.12
N MET B 113 -11.67 -20.70 10.92
CA MET B 113 -12.20 -21.36 9.72
C MET B 113 -11.25 -21.21 8.53
N PRO B 119 -14.36 -27.82 8.77
CA PRO B 119 -15.82 -27.83 8.57
C PRO B 119 -16.58 -27.65 9.89
N GLU B 120 -16.32 -28.53 10.88
CA GLU B 120 -16.94 -28.52 12.21
C GLU B 120 -15.86 -28.38 13.30
N LYS B 121 -14.64 -27.96 12.90
CA LYS B 121 -13.50 -27.77 13.81
C LYS B 121 -13.78 -26.68 14.82
N VAL B 122 -14.39 -25.57 14.36
CA VAL B 122 -14.67 -24.40 15.18
C VAL B 122 -16.17 -24.36 15.59
N PRO B 123 -16.49 -24.42 16.91
CA PRO B 123 -17.92 -24.35 17.35
C PRO B 123 -18.48 -22.94 17.15
N PHE B 124 -19.82 -22.77 17.10
CA PHE B 124 -20.42 -21.45 16.91
C PHE B 124 -20.33 -20.61 18.19
N VAL B 125 -19.76 -19.40 18.08
CA VAL B 125 -19.55 -18.52 19.23
C VAL B 125 -20.50 -17.33 19.12
N TYR B 126 -21.28 -17.11 20.18
CA TYR B 126 -22.24 -16.01 20.23
C TYR B 126 -22.25 -15.43 21.63
N ASN B 127 -21.79 -14.19 21.77
CA ASN B 127 -21.72 -13.51 23.06
C ASN B 127 -23.04 -12.73 23.25
N ALA B 128 -23.99 -13.34 23.96
CA ALA B 128 -25.31 -12.73 24.19
C ALA B 128 -25.21 -11.35 24.87
N ALA B 129 -24.25 -11.19 25.80
CA ALA B 129 -23.99 -9.90 26.47
C ALA B 129 -23.55 -8.82 25.45
N ALA B 130 -22.73 -9.20 24.44
CA ALA B 130 -22.30 -8.26 23.41
C ALA B 130 -23.50 -7.81 22.57
N TYR B 131 -24.53 -8.67 22.40
CA TYR B 131 -25.73 -8.38 21.58
C TYR B 131 -26.82 -7.59 22.37
N ALA B 132 -26.56 -7.34 23.67
CA ALA B 132 -27.46 -6.55 24.52
C ALA B 132 -26.85 -5.16 24.82
N ARG B 133 -25.63 -4.87 24.33
CA ARG B 133 -24.93 -3.59 24.56
C ARG B 133 -25.56 -2.43 23.77
N LYS B 134 -26.17 -1.43 24.48
CA LYS B 134 -26.75 -0.23 23.84
C LYS B 134 -25.64 0.75 23.43
N GLY B 135 -25.91 1.56 22.39
CA GLY B 135 -24.96 2.53 21.89
C GLY B 135 -23.98 1.99 20.86
N PHE B 136 -23.22 2.89 20.24
CA PHE B 136 -22.24 2.50 19.21
C PHE B 136 -21.00 1.89 19.81
N VAL B 137 -20.60 0.74 19.23
CA VAL B 137 -19.44 -0.04 19.61
C VAL B 137 -18.56 -0.23 18.37
N GLY B 138 -17.28 0.00 18.56
CA GLY B 138 -16.28 -0.16 17.52
C GLY B 138 -14.88 0.15 18.01
N GLN B 139 -13.92 -0.05 17.11
CA GLN B 139 -12.51 0.17 17.35
C GLN B 139 -12.15 1.64 17.08
N GLU B 140 -10.93 2.08 17.52
CA GLU B 140 -10.45 3.43 17.19
C GLU B 140 -10.38 3.48 15.65
N LEU B 141 -10.62 4.64 15.05
CA LEU B 141 -10.61 4.76 13.58
C LEU B 141 -9.35 4.20 12.92
N THR B 142 -8.17 4.42 13.54
CA THR B 142 -6.91 3.92 13.00
C THR B 142 -6.10 3.17 14.03
N GLN B 143 -5.36 2.16 13.57
CA GLN B 143 -4.45 1.36 14.40
C GLN B 143 -3.19 1.08 13.59
N VAL B 144 -2.05 1.00 14.25
CA VAL B 144 -0.76 0.72 13.64
C VAL B 144 -0.16 -0.44 14.41
N GLU B 145 0.24 -1.50 13.71
CA GLU B 145 0.86 -2.67 14.33
C GLU B 145 2.08 -3.11 13.53
N MET B 146 3.24 -3.25 14.18
CA MET B 146 4.45 -3.74 13.52
C MET B 146 4.26 -5.25 13.38
N LEU B 147 4.35 -5.78 12.15
CA LEU B 147 4.12 -7.20 11.92
C LEU B 147 5.39 -8.03 12.00
N GLY B 148 6.51 -7.40 11.68
CA GLY B 148 7.83 -8.02 11.68
C GLY B 148 8.59 -7.67 10.42
N THR B 149 9.67 -8.42 10.16
CA THR B 149 10.55 -8.22 9.01
C THR B 149 10.51 -9.44 8.10
N MET B 150 10.37 -9.20 6.79
CA MET B 150 10.33 -10.22 5.74
C MET B 150 11.16 -9.79 4.56
N ARG B 151 12.22 -10.56 4.26
CA ARG B 151 13.16 -10.35 3.14
C ARG B 151 13.75 -8.91 3.19
N GLY B 152 14.27 -8.53 4.35
CA GLY B 152 14.88 -7.22 4.60
C GLY B 152 13.93 -6.04 4.67
N VAL B 153 12.61 -6.30 4.70
CA VAL B 153 11.59 -5.25 4.73
C VAL B 153 10.79 -5.29 6.03
N ARG B 154 10.85 -4.21 6.84
CA ARG B 154 10.03 -4.07 8.06
C ARG B 154 8.63 -3.74 7.62
N ILE B 155 7.65 -4.51 8.06
CA ILE B 155 6.27 -4.32 7.62
C ILE B 155 5.37 -3.93 8.79
N ALA B 156 4.54 -2.92 8.56
CA ALA B 156 3.51 -2.53 9.51
C ALA B 156 2.17 -2.68 8.86
N ALA B 157 1.14 -2.96 9.68
CA ALA B 157 -0.22 -3.00 9.23
C ALA B 157 -0.92 -1.78 9.78
N LEU B 158 -1.45 -0.96 8.86
CA LEU B 158 -2.24 0.21 9.15
C LEU B 158 -3.68 -0.23 8.98
N THR B 159 -4.45 -0.29 10.09
CA THR B 159 -5.83 -0.73 10.03
C THR B 159 -6.73 0.49 10.17
N ILE B 160 -7.73 0.57 9.28
CA ILE B 160 -8.75 1.62 9.27
C ILE B 160 -10.07 0.93 9.63
N ASN B 161 -10.75 1.43 10.66
CA ASN B 161 -12.00 0.85 11.18
C ASN B 161 -13.16 1.82 10.90
N PRO B 162 -13.72 1.83 9.68
CA PRO B 162 -14.74 2.83 9.38
C PRO B 162 -16.12 2.56 9.98
N VAL B 163 -16.36 1.38 10.53
CA VAL B 163 -17.70 1.02 10.98
C VAL B 163 -17.80 0.81 12.49
N GLN B 164 -18.82 1.47 13.09
CA GLN B 164 -19.26 1.26 14.45
C GLN B 164 -20.68 0.74 14.35
N TYR B 165 -21.10 -0.05 15.31
CA TYR B 165 -22.43 -0.63 15.27
C TYR B 165 -23.13 -0.55 16.63
N ASP B 166 -24.39 -0.17 16.62
CA ASP B 166 -25.28 -0.15 17.77
C ASP B 166 -26.18 -1.34 17.56
N VAL B 167 -25.87 -2.45 18.22
CA VAL B 167 -26.61 -3.70 18.01
C VAL B 167 -28.08 -3.60 18.45
N VAL B 168 -28.37 -2.87 19.56
CA VAL B 168 -29.74 -2.79 20.05
C VAL B 168 -30.60 -1.97 19.05
N ALA B 169 -30.10 -0.82 18.57
CA ALA B 169 -30.80 0.00 17.57
C ALA B 169 -30.66 -0.59 16.15
N ASN B 170 -29.70 -1.52 15.93
CA ASN B 170 -29.39 -2.14 14.64
C ASN B 170 -29.02 -1.03 13.64
N GLN B 171 -28.08 -0.18 14.04
CA GLN B 171 -27.65 0.95 13.23
C GLN B 171 -26.16 0.92 13.02
N LEU B 172 -25.72 1.26 11.81
CA LEU B 172 -24.30 1.41 11.52
C LEU B 172 -23.91 2.87 11.61
N LYS B 173 -22.72 3.17 12.10
CA LYS B 173 -22.15 4.52 12.01
C LYS B 173 -20.94 4.34 11.14
N VAL B 174 -20.95 4.93 9.94
CA VAL B 174 -19.88 4.74 8.98
C VAL B 174 -19.08 6.03 8.79
N ARG B 175 -17.78 5.93 9.01
CA ARG B 175 -16.85 7.02 8.79
C ARG B 175 -16.28 6.85 7.38
N ASN B 176 -16.26 7.91 6.59
CA ASN B 176 -15.84 7.79 5.21
C ASN B 176 -14.94 8.97 4.83
N ASN B 177 -14.37 8.95 3.60
CA ASN B 177 -13.49 10.06 3.13
C ASN B 177 -12.45 10.36 4.22
N ILE B 178 -11.85 9.28 4.74
CA ILE B 178 -10.93 9.34 5.87
C ILE B 178 -9.58 9.84 5.37
N GLU B 179 -9.11 11.00 5.90
CA GLU B 179 -7.84 11.60 5.52
C GLU B 179 -6.88 11.49 6.68
N ILE B 180 -5.74 10.87 6.45
CA ILE B 180 -4.74 10.72 7.52
C ILE B 180 -3.36 11.15 7.02
N GLU B 181 -2.45 11.35 7.98
CA GLU B 181 -1.05 11.63 7.76
C GLU B 181 -0.27 10.57 8.52
N VAL B 182 0.65 9.88 7.85
CA VAL B 182 1.50 8.87 8.46
C VAL B 182 2.90 9.42 8.46
N SER B 183 3.47 9.54 9.64
CA SER B 183 4.85 10.00 9.80
C SER B 183 5.70 8.88 10.40
N PHE B 184 6.96 8.80 9.97
CA PHE B 184 7.88 7.80 10.45
C PHE B 184 8.84 8.46 11.44
N GLN B 185 8.72 8.09 12.75
CA GLN B 185 9.56 8.57 13.87
C GLN B 185 9.40 10.08 14.05
N1 AZI C . -2.68 3.95 -2.52
N2 AZI C . -3.00 2.88 -2.12
N3 AZI C . -3.30 1.81 -1.70
#